data_4PDE
#
_entry.id   4PDE
#
_cell.length_a   98.430
_cell.length_b   98.430
_cell.length_c   120.411
_cell.angle_alpha   90.00
_cell.angle_beta   90.00
_cell.angle_gamma   120.00
#
_symmetry.space_group_name_H-M   'P 61 2 2'
#
loop_
_entity.id
_entity.type
_entity.pdbx_description
1 polymer 'Protein FdhD'
2 non-polymer "GUANOSINE-5'-DIPHOSPHATE"
3 water water
#
_entity_poly.entity_id   1
_entity_poly.type   'polypeptide(L)'
_entity_poly.pdbx_seq_one_letter_code
;MKKTQRKEIENVTNITGVRQIELWRRDDLQHPRLDEVAEEVPVALVYNGISHVVMMASPKDLEYFALGFSLSEGIIESPR
DIFGMDVVPSCNGLEVQIELSSRRFMGLKERRRALAGRTGCGVCGVEQLNDIGKPVQPLPFTQTFDLNKLDDALRHLNDF
QPVGQLTGCTHAAAWMLPSGELVGGHEDVGRHVALDKLLGRRSQEGESWQQGAVLVSSRASYEMVQKSAMCGVEILFAVS
AATTLAVEVAERCNLTLVGFCKPGRATVYTHPQRLSNLEHHHHHH
;
_entity_poly.pdbx_strand_id   A
#
# COMPACT_ATOMS: atom_id res chain seq x y z
N ILE A 15 2.59 21.95 -3.20
CA ILE A 15 2.24 20.71 -2.53
C ILE A 15 2.93 19.47 -3.13
N THR A 16 3.65 18.74 -2.29
CA THR A 16 4.50 17.62 -2.75
C THR A 16 3.74 16.61 -3.59
N GLY A 17 4.34 16.16 -4.68
CA GLY A 17 3.76 15.15 -5.54
C GLY A 17 3.02 15.72 -6.72
N VAL A 18 2.71 17.00 -6.65
CA VAL A 18 1.96 17.69 -7.68
C VAL A 18 2.87 18.60 -8.50
N ARG A 19 2.63 18.67 -9.81
CA ARG A 19 3.28 19.65 -10.66
C ARG A 19 2.25 20.40 -11.49
N GLN A 20 2.42 21.71 -11.61
CA GLN A 20 1.59 22.51 -12.50
C GLN A 20 2.17 22.46 -13.90
N ILE A 21 1.40 21.94 -14.84
CA ILE A 21 1.87 21.71 -16.21
C ILE A 21 0.99 22.42 -17.24
N GLU A 22 1.58 22.74 -18.38
CA GLU A 22 0.82 23.31 -19.48
C GLU A 22 0.29 22.26 -20.43
N LEU A 23 -0.98 22.38 -20.79
CA LEU A 23 -1.65 21.45 -21.69
C LEU A 23 -2.77 22.15 -22.47
N TRP A 24 -3.49 21.39 -23.29
CA TRP A 24 -4.59 21.91 -24.10
C TRP A 24 -5.85 21.08 -23.97
N ARG A 25 -6.98 21.73 -23.74
CA ARG A 25 -8.26 21.06 -23.75
C ARG A 25 -8.66 20.77 -25.18
N ARG A 26 -9.34 19.65 -25.39
CA ARG A 26 -9.81 19.25 -26.71
C ARG A 26 -10.42 20.40 -27.48
N ASP A 27 -11.07 21.32 -26.77
CA ASP A 27 -11.74 22.46 -27.42
C ASP A 27 -10.81 23.62 -27.89
N ASP A 28 -9.60 23.70 -27.35
CA ASP A 28 -8.76 24.86 -27.59
C ASP A 28 -7.32 24.44 -27.79
N LEU A 29 -6.98 24.05 -29.02
CA LEU A 29 -5.64 23.55 -29.30
C LEU A 29 -4.68 24.70 -29.58
N GLN A 30 -5.18 25.91 -29.37
CA GLN A 30 -4.42 27.11 -29.67
C GLN A 30 -4.06 27.91 -28.44
N HIS A 31 -4.76 27.66 -27.34
CA HIS A 31 -4.46 28.33 -26.08
C HIS A 31 -4.18 27.32 -24.98
N PRO A 32 -2.93 27.25 -24.51
CA PRO A 32 -2.57 26.30 -23.46
C PRO A 32 -3.09 26.78 -22.11
N ARG A 33 -3.41 25.82 -21.26
CA ARG A 33 -3.92 26.10 -19.93
C ARG A 33 -3.03 25.37 -18.93
N LEU A 34 -3.26 25.60 -17.65
CA LEU A 34 -2.52 24.89 -16.62
C LEU A 34 -3.44 23.95 -15.86
N ASP A 35 -2.86 22.84 -15.43
CA ASP A 35 -3.56 21.86 -14.61
C ASP A 35 -2.51 21.18 -13.78
N GLU A 36 -2.94 20.56 -12.69
CA GLU A 36 -2.01 19.80 -11.86
C GLU A 36 -1.91 18.38 -12.38
N VAL A 37 -0.67 17.91 -12.41
CA VAL A 37 -0.34 16.58 -12.83
C VAL A 37 0.47 15.95 -11.70
N ALA A 38 0.38 14.63 -11.57
CA ALA A 38 1.04 13.97 -10.45
C ALA A 38 2.45 13.50 -10.82
N GLU A 39 3.38 13.66 -9.88
CA GLU A 39 4.76 13.24 -10.08
C GLU A 39 4.91 11.73 -9.96
N GLU A 40 5.84 11.18 -10.72
CA GLU A 40 6.10 9.76 -10.75
C GLU A 40 7.61 9.61 -10.88
N VAL A 41 8.30 9.77 -9.76
CA VAL A 41 9.74 9.56 -9.69
C VAL A 41 10.07 8.07 -9.55
N PRO A 42 11.17 7.63 -10.17
CA PRO A 42 11.70 6.29 -9.93
C PRO A 42 12.45 6.26 -8.61
N VAL A 43 12.15 5.28 -7.79
CA VAL A 43 12.76 5.14 -6.47
C VAL A 43 13.43 3.78 -6.40
N ALA A 44 14.63 3.73 -5.85
CA ALA A 44 15.37 2.48 -5.75
C ALA A 44 15.57 2.13 -4.29
N LEU A 45 15.28 0.88 -3.95
CA LEU A 45 15.49 0.39 -2.60
C LEU A 45 16.82 -0.32 -2.56
N VAL A 46 17.79 0.30 -1.88
CA VAL A 46 19.15 -0.17 -1.91
C VAL A 46 19.59 -0.74 -0.57
N TYR A 47 19.56 -2.05 -0.48
CA TYR A 47 19.92 -2.74 0.73
C TYR A 47 21.42 -3.02 0.72
N ASN A 48 22.11 -2.43 1.68
CA ASN A 48 23.56 -2.57 1.79
C ASN A 48 24.27 -2.41 0.46
N GLY A 49 23.94 -1.35 -0.25
CA GLY A 49 24.62 -1.05 -1.50
C GLY A 49 24.03 -1.76 -2.71
N ILE A 50 23.23 -2.79 -2.49
CA ILE A 50 22.65 -3.50 -3.61
C ILE A 50 21.28 -2.97 -3.96
N SER A 51 21.15 -2.46 -5.18
CA SER A 51 19.88 -1.97 -5.66
C SER A 51 18.94 -3.15 -5.90
N HIS A 52 17.99 -3.37 -5.00
CA HIS A 52 17.08 -4.51 -5.16
C HIS A 52 15.96 -4.27 -6.17
N VAL A 53 15.31 -3.09 -6.10
CA VAL A 53 14.26 -2.75 -7.05
C VAL A 53 14.19 -1.27 -7.36
N VAL A 54 13.68 -0.94 -8.55
CA VAL A 54 13.28 0.42 -8.84
C VAL A 54 11.78 0.45 -9.08
N MET A 55 11.10 1.30 -8.32
CA MET A 55 9.65 1.39 -8.38
C MET A 55 9.35 2.82 -8.65
N MET A 56 8.38 3.05 -9.52
CA MET A 56 7.86 4.38 -9.76
C MET A 56 6.91 4.73 -8.63
N ALA A 57 7.05 5.92 -8.10
CA ALA A 57 6.35 6.26 -6.88
C ALA A 57 6.12 7.76 -6.82
N SER A 58 5.12 8.18 -6.06
CA SER A 58 5.03 9.58 -5.63
C SER A 58 6.24 9.86 -4.74
N PRO A 59 6.85 11.06 -4.90
CA PRO A 59 8.10 11.40 -4.23
C PRO A 59 7.90 11.87 -2.79
N LYS A 60 7.17 11.09 -2.00
CA LYS A 60 6.99 11.35 -0.57
C LYS A 60 6.76 10.01 0.12
N ASP A 61 6.79 10.02 1.46
CA ASP A 61 6.56 8.80 2.26
C ASP A 61 7.43 7.63 1.79
N LEU A 62 8.69 7.92 1.54
CA LEU A 62 9.58 6.90 1.00
C LEU A 62 10.18 6.03 2.10
N GLU A 63 10.34 6.60 3.28
CA GLU A 63 10.86 5.85 4.40
C GLU A 63 9.85 4.77 4.77
N TYR A 64 8.58 5.16 4.83
CA TYR A 64 7.47 4.24 5.06
C TYR A 64 7.41 3.20 3.94
N PHE A 65 7.49 3.64 2.69
CA PHE A 65 7.48 2.71 1.56
C PHE A 65 8.56 1.65 1.72
N ALA A 66 9.78 2.12 1.94
CA ALA A 66 10.93 1.25 2.12
C ALA A 66 10.70 0.20 3.21
N LEU A 67 10.19 0.66 4.35
CA LEU A 67 9.85 -0.22 5.46
C LEU A 67 8.77 -1.21 5.07
N GLY A 68 7.62 -0.67 4.67
CA GLY A 68 6.52 -1.47 4.19
C GLY A 68 6.98 -2.53 3.21
N PHE A 69 7.59 -2.10 2.12
CA PHE A 69 8.07 -3.05 1.12
C PHE A 69 8.94 -4.17 1.68
N SER A 70 9.80 -3.86 2.65
CA SER A 70 10.64 -4.86 3.31
C SER A 70 9.84 -5.95 4.02
N LEU A 71 8.87 -5.55 4.83
CA LEU A 71 7.97 -6.50 5.46
C LEU A 71 7.15 -7.25 4.41
N SER A 72 6.40 -6.50 3.59
CA SER A 72 5.59 -7.03 2.49
C SER A 72 6.20 -8.24 1.79
N GLU A 73 7.44 -8.06 1.37
CA GLU A 73 8.14 -9.04 0.54
C GLU A 73 8.84 -10.03 1.42
N GLY A 74 8.83 -9.76 2.72
CA GLY A 74 9.37 -10.67 3.69
C GLY A 74 10.88 -10.59 3.73
N ILE A 75 11.40 -9.43 3.36
CA ILE A 75 12.84 -9.17 3.41
C ILE A 75 13.27 -8.98 4.86
N ILE A 76 12.35 -8.52 5.68
CA ILE A 76 12.58 -8.47 7.12
C ILE A 76 11.43 -9.12 7.90
N GLU A 77 11.69 -9.49 9.14
CA GLU A 77 10.65 -9.96 10.02
C GLU A 77 10.21 -8.81 10.91
N SER A 78 11.18 -8.03 11.36
CA SER A 78 10.88 -6.85 12.15
C SER A 78 11.53 -5.61 11.56
N PRO A 79 10.94 -4.42 11.84
CA PRO A 79 11.64 -3.18 11.48
C PRO A 79 12.95 -3.04 12.26
N ARG A 80 13.13 -3.84 13.30
CA ARG A 80 14.38 -3.83 14.04
C ARG A 80 15.51 -4.41 13.19
N ASP A 81 15.13 -5.07 12.09
CA ASP A 81 16.10 -5.62 11.15
C ASP A 81 16.83 -4.54 10.34
N ILE A 82 16.49 -3.28 10.57
CA ILE A 82 17.10 -2.16 9.85
C ILE A 82 17.81 -1.19 10.79
N PHE A 83 19.09 -0.93 10.50
CA PHE A 83 19.94 -0.08 11.35
C PHE A 83 20.23 1.28 10.75
N GLY A 84 19.56 1.59 9.64
CA GLY A 84 19.78 2.85 8.94
C GLY A 84 18.93 3.02 7.70
N MET A 85 18.45 4.26 7.50
CA MET A 85 17.67 4.61 6.31
C MET A 85 17.88 6.07 5.94
N ASP A 86 18.47 6.29 4.78
CA ASP A 86 18.69 7.64 4.28
C ASP A 86 18.10 7.73 2.90
N VAL A 87 17.26 8.73 2.67
CA VAL A 87 16.75 8.97 1.33
C VAL A 87 17.64 9.94 0.56
N VAL A 88 18.24 9.46 -0.52
CA VAL A 88 19.17 10.26 -1.31
C VAL A 88 18.71 10.51 -2.75
N PRO A 89 19.01 11.71 -3.29
CA PRO A 89 18.72 12.03 -4.68
C PRO A 89 19.67 11.34 -5.64
N SER A 90 19.18 11.01 -6.84
CA SER A 90 20.04 10.53 -7.90
C SER A 90 19.70 11.07 -9.29
N CYS A 91 20.24 10.41 -10.31
CA CYS A 91 20.05 10.81 -11.69
C CYS A 91 18.60 10.60 -12.12
N ASN A 92 18.18 9.34 -12.24
CA ASN A 92 16.78 9.05 -12.52
C ASN A 92 15.91 9.86 -11.55
N GLY A 93 16.09 9.60 -10.25
CA GLY A 93 15.28 10.23 -9.22
C GLY A 93 15.80 10.01 -7.80
N LEU A 94 15.21 9.05 -7.08
CA LEU A 94 15.55 8.84 -5.67
C LEU A 94 15.97 7.41 -5.31
N GLU A 95 16.84 7.27 -4.31
CA GLU A 95 17.18 5.98 -3.69
C GLU A 95 16.93 6.03 -2.20
N VAL A 96 16.43 4.94 -1.64
CA VAL A 96 16.41 4.80 -0.18
C VAL A 96 17.54 3.86 0.20
N GLN A 97 18.58 4.41 0.81
CA GLN A 97 19.73 3.62 1.24
C GLN A 97 19.38 2.96 2.57
N ILE A 98 19.30 1.63 2.57
CA ILE A 98 18.88 0.85 3.73
C ILE A 98 20.02 -0.02 4.31
N GLU A 99 20.41 0.24 5.56
CA GLU A 99 21.33 -0.68 6.26
C GLU A 99 20.57 -1.86 6.88
N LEU A 100 20.97 -3.08 6.53
CA LEU A 100 20.16 -4.26 6.80
C LEU A 100 20.93 -5.34 7.56
N SER A 101 20.21 -6.11 8.40
CA SER A 101 20.83 -7.22 9.15
C SER A 101 21.61 -8.12 8.22
N SER A 102 22.79 -8.53 8.64
CA SER A 102 23.52 -9.49 7.84
C SER A 102 22.61 -10.68 7.56
N ARG A 103 21.94 -11.17 8.59
CA ARG A 103 21.06 -12.31 8.45
C ARG A 103 20.05 -12.10 7.32
N ARG A 104 19.41 -10.94 7.30
CA ARG A 104 18.37 -10.68 6.32
C ARG A 104 18.95 -10.34 4.95
N PHE A 105 20.12 -9.70 4.92
CA PHE A 105 20.78 -9.37 3.66
C PHE A 105 21.20 -10.64 2.94
N MET A 106 21.88 -11.52 3.66
CA MET A 106 22.28 -12.79 3.09
C MET A 106 21.07 -13.55 2.58
N GLY A 107 19.98 -13.49 3.33
CA GLY A 107 18.74 -14.13 2.94
C GLY A 107 18.25 -13.62 1.61
N LEU A 108 18.47 -12.34 1.36
CA LEU A 108 18.06 -11.72 0.12
C LEU A 108 19.02 -12.04 -1.03
N LYS A 109 20.31 -11.99 -0.76
CA LYS A 109 21.31 -12.44 -1.72
C LYS A 109 21.05 -13.89 -2.13
N GLU A 110 20.89 -14.77 -1.14
CA GLU A 110 20.65 -16.18 -1.36
C GLU A 110 19.52 -16.39 -2.36
N ARG A 111 18.35 -15.86 -2.03
CA ARG A 111 17.19 -15.95 -2.90
C ARG A 111 17.39 -15.10 -4.15
N ARG A 112 18.23 -15.59 -5.07
CA ARG A 112 18.55 -14.91 -6.32
C ARG A 112 19.52 -15.75 -7.14
N ILE A 132 9.69 -13.47 -3.77
CA ILE A 132 11.14 -13.29 -3.64
C ILE A 132 11.97 -14.54 -3.29
N GLY A 133 11.34 -15.61 -2.80
CA GLY A 133 9.94 -15.63 -2.42
C GLY A 133 9.81 -16.26 -1.05
N LYS A 134 9.64 -15.43 -0.03
CA LYS A 134 9.39 -15.93 1.31
C LYS A 134 8.01 -16.59 1.36
N PRO A 135 7.79 -17.47 2.35
CA PRO A 135 6.48 -18.12 2.58
C PRO A 135 5.48 -17.19 3.22
N VAL A 136 4.21 -17.31 2.82
CA VAL A 136 3.15 -16.50 3.40
C VAL A 136 2.71 -16.97 4.80
N GLN A 137 2.15 -18.17 4.87
CA GLN A 137 1.71 -18.75 6.14
C GLN A 137 0.33 -18.25 6.56
N PRO A 138 -0.61 -19.19 6.70
CA PRO A 138 -2.00 -18.94 7.07
C PRO A 138 -2.12 -18.02 8.26
N LEU A 139 -3.09 -17.11 8.16
CA LEU A 139 -3.35 -16.14 9.19
C LEU A 139 -4.22 -16.81 10.24
N PRO A 140 -4.23 -16.23 11.46
CA PRO A 140 -5.16 -16.66 12.50
C PRO A 140 -6.44 -15.89 12.32
N PHE A 141 -7.49 -16.29 13.03
CA PHE A 141 -8.72 -15.53 13.02
C PHE A 141 -8.84 -14.77 14.31
N THR A 142 -8.80 -13.45 14.22
CA THR A 142 -8.52 -12.59 15.36
C THR A 142 -9.33 -11.33 15.18
N GLN A 143 -9.60 -11.03 13.92
CA GLN A 143 -10.21 -9.77 13.54
C GLN A 143 -11.65 -9.97 13.15
N THR A 144 -12.42 -8.91 13.34
CA THR A 144 -13.84 -8.93 13.04
C THR A 144 -14.07 -7.61 12.39
N PHE A 145 -15.13 -7.51 11.61
CA PHE A 145 -15.53 -6.21 11.14
C PHE A 145 -17.03 -6.10 10.86
N ASP A 146 -17.64 -5.07 11.45
CA ASP A 146 -19.03 -4.76 11.17
C ASP A 146 -19.16 -3.96 9.87
N LEU A 147 -19.70 -4.59 8.84
CA LEU A 147 -19.80 -3.95 7.54
C LEU A 147 -20.60 -2.67 7.55
N ASN A 148 -21.33 -2.44 8.63
CA ASN A 148 -22.08 -1.21 8.75
C ASN A 148 -21.17 0.00 8.96
N LYS A 149 -20.03 -0.23 9.59
CA LYS A 149 -19.07 0.84 9.83
C LYS A 149 -18.23 1.18 8.59
N LEU A 150 -18.44 0.43 7.51
CA LEU A 150 -17.56 0.52 6.35
C LEU A 150 -17.84 1.70 5.43
N ASP A 151 -19.13 1.98 5.20
CA ASP A 151 -19.50 3.08 4.31
C ASP A 151 -18.83 4.39 4.69
N ASP A 152 -18.85 4.72 5.98
CA ASP A 152 -18.25 5.97 6.42
C ASP A 152 -16.78 6.01 6.06
N ALA A 153 -16.08 4.92 6.35
CA ALA A 153 -14.68 4.79 5.98
C ALA A 153 -14.47 5.01 4.47
N LEU A 154 -15.37 4.47 3.66
CA LEU A 154 -15.30 4.64 2.21
C LEU A 154 -15.32 6.12 1.77
N ARG A 155 -16.19 6.91 2.40
CA ARG A 155 -16.27 8.33 2.15
C ARG A 155 -15.03 9.13 2.60
N HIS A 156 -14.20 8.56 3.47
CA HIS A 156 -13.04 9.29 3.98
C HIS A 156 -11.68 8.88 3.40
N LEU A 157 -11.66 7.90 2.51
CA LEU A 157 -10.41 7.50 1.88
C LEU A 157 -9.75 8.72 1.22
N ASN A 158 -10.57 9.54 0.58
CA ASN A 158 -10.13 10.79 -0.06
C ASN A 158 -9.20 11.62 0.78
N ASP A 159 -9.45 11.62 2.08
CA ASP A 159 -8.73 12.48 3.00
C ASP A 159 -7.25 12.19 3.04
N PHE A 160 -6.84 11.14 2.35
CA PHE A 160 -5.44 10.74 2.39
C PHE A 160 -4.80 10.86 1.02
N GLN A 161 -5.54 11.47 0.10
CA GLN A 161 -5.02 11.78 -1.22
C GLN A 161 -5.17 13.26 -1.58
N PRO A 162 -4.32 14.11 -0.99
CA PRO A 162 -4.19 15.50 -1.42
C PRO A 162 -3.87 15.60 -2.90
N VAL A 163 -2.84 14.87 -3.37
CA VAL A 163 -2.56 14.87 -4.82
C VAL A 163 -3.60 14.15 -5.65
N GLY A 164 -4.18 13.08 -5.12
CA GLY A 164 -5.25 12.39 -5.82
C GLY A 164 -6.35 13.39 -6.05
N GLN A 165 -6.68 14.12 -4.98
CA GLN A 165 -7.71 15.15 -5.03
C GLN A 165 -7.49 16.17 -6.16
N LEU A 166 -6.24 16.57 -6.36
CA LEU A 166 -5.87 17.62 -7.31
C LEU A 166 -5.67 17.13 -8.73
N THR A 167 -5.59 15.82 -8.87
CA THR A 167 -4.80 15.24 -9.93
C THR A 167 -5.48 14.07 -10.63
N GLY A 168 -6.16 13.22 -9.84
CA GLY A 168 -6.91 12.09 -10.38
C GLY A 168 -6.04 10.90 -10.75
N CYS A 169 -4.81 10.91 -10.24
CA CYS A 169 -3.79 9.96 -10.69
C CYS A 169 -3.23 9.16 -9.54
N THR A 170 -3.85 9.26 -8.38
CA THR A 170 -3.34 8.60 -7.20
C THR A 170 -4.21 7.41 -6.77
N HIS A 171 -3.62 6.46 -6.05
CA HIS A 171 -4.38 5.47 -5.28
C HIS A 171 -4.00 5.69 -3.85
N ALA A 172 -4.85 5.23 -2.93
CA ALA A 172 -4.54 5.32 -1.50
C ALA A 172 -4.72 3.98 -0.81
N ALA A 173 -4.03 3.80 0.31
CA ALA A 173 -4.21 2.64 1.23
C ALA A 173 -4.33 3.15 2.66
N ALA A 174 -5.42 2.80 3.34
CA ALA A 174 -5.67 3.31 4.69
C ALA A 174 -5.78 2.19 5.70
N TRP A 175 -5.50 2.50 6.96
CA TRP A 175 -5.77 1.57 8.05
C TRP A 175 -7.03 1.95 8.79
N MET A 176 -7.92 0.98 8.91
CA MET A 176 -9.22 1.22 9.50
C MET A 176 -9.31 0.30 10.71
N LEU A 177 -9.54 0.90 11.88
CA LEU A 177 -9.77 0.12 13.10
C LEU A 177 -11.13 -0.57 13.06
N PRO A 178 -11.29 -1.63 13.88
CA PRO A 178 -12.60 -2.29 13.98
C PRO A 178 -13.72 -1.25 14.16
N SER A 179 -13.39 -0.14 14.81
CA SER A 179 -14.29 1.00 15.01
C SER A 179 -14.89 1.47 13.71
N GLY A 180 -14.11 1.34 12.64
CA GLY A 180 -14.44 1.92 11.35
C GLY A 180 -13.60 3.16 11.10
N GLU A 181 -12.93 3.66 12.14
CA GLU A 181 -12.15 4.90 12.02
C GLU A 181 -10.87 4.74 11.21
N LEU A 182 -10.69 5.58 10.21
CA LEU A 182 -9.43 5.60 9.46
C LEU A 182 -8.36 6.36 10.25
N VAL A 183 -7.42 5.63 10.82
CA VAL A 183 -6.39 6.24 11.66
C VAL A 183 -5.30 6.99 10.88
N GLY A 184 -5.06 6.55 9.64
CA GLY A 184 -4.03 7.16 8.81
C GLY A 184 -4.01 6.52 7.43
N GLY A 185 -3.28 7.13 6.49
CA GLY A 185 -3.28 6.65 5.13
C GLY A 185 -2.26 7.31 4.22
N HIS A 186 -1.96 6.64 3.11
CA HIS A 186 -0.91 7.06 2.21
C HIS A 186 -1.30 6.84 0.78
N GLU A 187 -0.96 7.80 -0.08
CA GLU A 187 -1.29 7.70 -1.49
C GLU A 187 -0.06 7.44 -2.32
N ASP A 188 -0.27 7.04 -3.57
CA ASP A 188 0.82 6.84 -4.50
C ASP A 188 0.29 6.69 -5.90
N VAL A 189 1.19 6.94 -6.85
CA VAL A 189 0.88 6.78 -8.24
C VAL A 189 0.49 5.32 -8.56
N GLY A 190 1.17 4.38 -7.90
CA GLY A 190 0.86 2.97 -8.05
C GLY A 190 0.34 2.30 -6.78
N ARG A 191 -0.71 1.49 -6.93
CA ARG A 191 -1.42 0.91 -5.80
C ARG A 191 -0.55 0.12 -4.85
N HIS A 192 0.37 -0.68 -5.38
CA HIS A 192 1.27 -1.48 -4.50
C HIS A 192 2.14 -0.64 -3.59
N VAL A 193 2.86 0.31 -4.19
CA VAL A 193 3.66 1.27 -3.44
C VAL A 193 2.81 1.98 -2.38
N ALA A 194 1.59 2.39 -2.76
CA ALA A 194 0.63 2.96 -1.81
C ALA A 194 0.32 2.04 -0.62
N LEU A 195 0.13 0.75 -0.90
CA LEU A 195 -0.11 -0.22 0.15
C LEU A 195 1.14 -0.39 1.00
N ASP A 196 2.27 -0.61 0.34
CA ASP A 196 3.54 -0.74 1.04
C ASP A 196 3.76 0.41 2.01
N LYS A 197 3.44 1.63 1.58
CA LYS A 197 3.62 2.79 2.42
C LYS A 197 2.75 2.67 3.67
N LEU A 198 1.49 2.30 3.49
CA LEU A 198 0.62 2.14 4.65
C LEU A 198 1.16 1.05 5.58
N LEU A 199 1.55 -0.08 5.00
CA LEU A 199 2.11 -1.17 5.76
C LEU A 199 3.31 -0.70 6.56
N GLY A 200 4.12 0.17 5.95
CA GLY A 200 5.22 0.79 6.64
C GLY A 200 4.72 1.67 7.77
N ARG A 201 3.74 2.52 7.46
CA ARG A 201 3.14 3.38 8.46
C ARG A 201 2.75 2.56 9.67
N ARG A 202 1.87 1.60 9.43
CA ARG A 202 1.30 0.83 10.52
C ARG A 202 2.41 0.11 11.27
N SER A 203 3.41 -0.37 10.53
CA SER A 203 4.58 -0.99 11.15
C SER A 203 5.23 -0.08 12.19
N GLN A 204 4.90 1.20 12.15
CA GLN A 204 5.53 2.18 13.01
C GLN A 204 4.57 2.68 14.07
N GLU A 205 3.30 2.36 13.89
CA GLU A 205 2.29 2.77 14.85
C GLU A 205 2.07 1.63 15.84
N GLY A 206 2.92 0.61 15.74
CA GLY A 206 2.84 -0.61 16.53
C GLY A 206 1.92 -0.60 17.73
N GLU A 207 1.01 -1.57 17.74
CA GLU A 207 0.10 -1.81 18.86
C GLU A 207 -1.24 -1.13 18.66
N SER A 208 -1.27 0.18 18.91
CA SER A 208 -2.49 0.96 18.77
C SER A 208 -3.22 0.68 17.44
N TRP A 209 -2.45 0.43 16.37
CA TRP A 209 -3.04 -0.02 15.12
C TRP A 209 -3.33 -1.51 15.22
N GLN A 210 -2.62 -2.34 14.46
CA GLN A 210 -2.95 -3.77 14.47
C GLN A 210 -4.46 -3.88 14.38
N GLN A 211 -5.03 -4.93 14.96
CA GLN A 211 -6.47 -5.12 14.85
C GLN A 211 -6.93 -4.65 13.45
N GLY A 212 -8.01 -3.90 13.37
CA GLY A 212 -8.52 -3.37 12.11
C GLY A 212 -8.34 -4.10 10.78
N ALA A 213 -8.44 -3.33 9.69
CA ALA A 213 -8.35 -3.86 8.33
C ALA A 213 -7.64 -2.86 7.44
N VAL A 214 -7.33 -3.26 6.21
CA VAL A 214 -6.79 -2.34 5.21
C VAL A 214 -7.87 -1.95 4.21
N LEU A 215 -8.00 -0.65 3.97
CA LEU A 215 -8.84 -0.16 2.90
C LEU A 215 -7.96 0.33 1.75
N VAL A 216 -8.29 -0.09 0.54
CA VAL A 216 -7.48 0.21 -0.63
C VAL A 216 -8.38 0.75 -1.76
N SER A 217 -7.93 1.81 -2.44
CA SER A 217 -8.78 2.47 -3.43
C SER A 217 -8.80 1.71 -4.77
N SER A 218 -7.91 0.74 -4.90
CA SER A 218 -7.68 0.07 -6.17
C SER A 218 -8.45 -1.23 -6.38
N ARG A 219 -8.06 -1.95 -7.42
CA ARG A 219 -8.44 -3.33 -7.62
C ARG A 219 -7.51 -4.12 -6.74
N ALA A 220 -7.93 -5.31 -6.33
CA ALA A 220 -7.09 -6.14 -5.48
C ALA A 220 -6.41 -7.21 -6.34
N SER A 221 -5.10 -7.23 -6.28
CA SER A 221 -4.31 -8.13 -7.11
C SER A 221 -3.69 -9.15 -6.20
N TYR A 222 -3.28 -10.28 -6.75
CA TYR A 222 -2.75 -11.31 -5.87
C TYR A 222 -1.59 -10.81 -5.01
N GLU A 223 -0.79 -9.88 -5.53
CA GLU A 223 0.38 -9.43 -4.78
C GLU A 223 -0.03 -8.54 -3.62
N MET A 224 -1.15 -7.87 -3.78
CA MET A 224 -1.64 -6.97 -2.76
C MET A 224 -2.06 -7.80 -1.55
N VAL A 225 -2.76 -8.89 -1.81
CA VAL A 225 -3.21 -9.73 -0.71
C VAL A 225 -2.02 -10.48 -0.10
N GLN A 226 -1.07 -10.85 -0.94
CA GLN A 226 0.12 -11.53 -0.46
C GLN A 226 0.89 -10.65 0.50
N LYS A 227 1.05 -9.38 0.14
CA LYS A 227 1.73 -8.41 0.98
C LYS A 227 1.00 -8.22 2.30
N SER A 228 -0.27 -7.88 2.21
CA SER A 228 -1.09 -7.69 3.41
C SER A 228 -0.92 -8.85 4.39
N ALA A 229 -1.18 -10.06 3.89
CA ALA A 229 -1.06 -11.25 4.71
C ALA A 229 0.31 -11.31 5.38
N MET A 230 1.36 -11.08 4.61
CA MET A 230 2.71 -11.09 5.16
C MET A 230 2.82 -10.21 6.37
N CYS A 231 2.01 -9.17 6.42
CA CYS A 231 2.15 -8.18 7.47
C CYS A 231 1.10 -8.34 8.55
N GLY A 232 0.42 -9.49 8.54
CA GLY A 232 -0.53 -9.82 9.57
C GLY A 232 -1.90 -9.22 9.36
N VAL A 233 -2.20 -8.73 8.16
CA VAL A 233 -3.52 -8.16 7.93
C VAL A 233 -4.51 -9.25 7.57
N GLU A 234 -5.61 -9.32 8.30
CA GLU A 234 -6.57 -10.41 8.16
C GLU A 234 -7.74 -10.06 7.24
N ILE A 235 -8.04 -8.77 7.16
CA ILE A 235 -9.11 -8.29 6.30
C ILE A 235 -8.59 -7.22 5.35
N LEU A 236 -8.96 -7.34 4.08
CA LEU A 236 -8.61 -6.35 3.07
C LEU A 236 -9.86 -5.90 2.31
N PHE A 237 -10.12 -4.59 2.35
CA PHE A 237 -11.22 -4.01 1.57
C PHE A 237 -10.68 -3.28 0.35
N ALA A 238 -11.03 -3.79 -0.82
CA ALA A 238 -10.66 -3.16 -2.09
C ALA A 238 -11.89 -2.52 -2.74
N VAL A 239 -11.73 -1.28 -3.18
CA VAL A 239 -12.80 -0.52 -3.79
C VAL A 239 -13.25 -1.07 -5.14
N SER A 240 -12.38 -1.85 -5.79
CA SER A 240 -12.73 -2.45 -7.06
C SER A 240 -12.62 -4.00 -7.10
N ALA A 241 -12.72 -4.55 -8.31
CA ALA A 241 -12.67 -5.97 -8.60
C ALA A 241 -11.44 -6.70 -8.08
N ALA A 242 -11.53 -8.04 -8.05
CA ALA A 242 -10.38 -8.89 -7.77
C ALA A 242 -10.20 -9.95 -8.86
N THR A 243 -9.04 -10.58 -8.85
CA THR A 243 -8.73 -11.59 -9.84
C THR A 243 -8.86 -12.96 -9.23
N THR A 244 -9.19 -13.93 -10.07
CA THR A 244 -9.13 -15.34 -9.78
C THR A 244 -7.99 -15.73 -8.83
N LEU A 245 -6.77 -15.42 -9.24
CA LEU A 245 -5.59 -15.71 -8.46
C LEU A 245 -5.60 -15.01 -7.11
N ALA A 246 -6.02 -13.75 -7.09
CA ALA A 246 -6.10 -13.02 -5.83
C ALA A 246 -6.92 -13.80 -4.80
N VAL A 247 -8.18 -14.11 -5.13
CA VAL A 247 -9.03 -14.82 -4.21
C VAL A 247 -8.47 -16.19 -3.87
N GLU A 248 -7.88 -16.86 -4.84
CA GLU A 248 -7.27 -18.17 -4.58
C GLU A 248 -6.18 -18.07 -3.52
N VAL A 249 -5.37 -17.03 -3.61
CA VAL A 249 -4.32 -16.79 -2.63
C VAL A 249 -4.89 -16.46 -1.24
N ALA A 250 -5.97 -15.68 -1.20
CA ALA A 250 -6.59 -15.30 0.06
C ALA A 250 -7.19 -16.50 0.79
N GLU A 251 -7.66 -17.49 0.02
CA GLU A 251 -8.16 -18.72 0.58
C GLU A 251 -7.10 -19.45 1.39
N ARG A 252 -5.92 -19.61 0.80
CA ARG A 252 -4.81 -20.33 1.42
C ARG A 252 -4.09 -19.50 2.49
N CYS A 253 -4.52 -18.27 2.68
CA CYS A 253 -3.84 -17.36 3.59
C CYS A 253 -4.73 -17.08 4.76
N ASN A 254 -5.97 -17.54 4.64
CA ASN A 254 -6.99 -17.25 5.63
C ASN A 254 -7.16 -15.75 5.76
N LEU A 255 -7.00 -15.04 4.65
CA LEU A 255 -7.24 -13.59 4.60
C LEU A 255 -8.64 -13.37 4.11
N THR A 256 -9.30 -12.35 4.64
CA THR A 256 -10.67 -12.09 4.22
C THR A 256 -10.69 -10.98 3.20
N LEU A 257 -11.02 -11.36 1.97
CA LEU A 257 -10.96 -10.48 0.83
C LEU A 257 -12.33 -9.94 0.45
N VAL A 258 -12.48 -8.62 0.51
CA VAL A 258 -13.70 -7.97 0.08
C VAL A 258 -13.37 -7.04 -1.10
N GLY A 259 -14.18 -7.11 -2.16
CA GLY A 259 -14.00 -6.27 -3.33
C GLY A 259 -15.27 -5.49 -3.64
N PHE A 260 -15.21 -4.64 -4.67
CA PHE A 260 -16.32 -3.75 -5.01
C PHE A 260 -16.93 -3.06 -3.79
N CYS A 261 -16.06 -2.56 -2.92
CA CYS A 261 -16.48 -1.77 -1.76
C CYS A 261 -16.82 -0.33 -2.17
N LYS A 262 -18.10 -0.07 -2.34
CA LYS A 262 -18.57 1.27 -2.64
C LYS A 262 -19.67 1.53 -1.66
N PRO A 263 -19.99 2.80 -1.42
CA PRO A 263 -21.03 3.09 -0.41
C PRO A 263 -22.33 2.34 -0.68
N GLY A 264 -22.67 1.36 0.17
CA GLY A 264 -23.88 0.59 0.01
C GLY A 264 -23.65 -0.79 -0.58
N ARG A 265 -22.41 -1.06 -0.98
CA ARG A 265 -22.01 -2.31 -1.61
C ARG A 265 -20.73 -2.85 -1.01
N ALA A 266 -20.48 -4.13 -1.25
CA ALA A 266 -19.24 -4.79 -0.85
C ALA A 266 -19.44 -6.24 -1.19
N THR A 267 -18.42 -6.88 -1.71
CA THR A 267 -18.56 -8.29 -2.03
C THR A 267 -17.38 -9.13 -1.54
N VAL A 268 -17.70 -10.08 -0.65
CA VAL A 268 -16.66 -10.83 0.01
C VAL A 268 -16.39 -12.17 -0.66
N TYR A 269 -15.13 -12.37 -1.03
CA TYR A 269 -14.73 -13.52 -1.84
C TYR A 269 -14.28 -14.68 -0.96
N THR A 270 -13.77 -14.35 0.22
CA THR A 270 -13.17 -15.34 1.10
C THR A 270 -13.36 -15.08 2.60
N HIS A 271 -13.42 -16.19 3.33
CA HIS A 271 -13.50 -16.21 4.79
C HIS A 271 -14.44 -15.19 5.39
N PRO A 272 -15.70 -15.20 4.94
CA PRO A 272 -16.69 -14.24 5.44
C PRO A 272 -16.90 -14.35 6.95
N GLN A 273 -16.34 -15.41 7.54
CA GLN A 273 -16.45 -15.69 8.98
C GLN A 273 -16.21 -14.45 9.85
N ARG A 274 -15.41 -13.52 9.35
CA ARG A 274 -14.88 -12.42 10.16
C ARG A 274 -15.76 -11.15 10.17
N LEU A 275 -16.78 -11.14 9.32
CA LEU A 275 -17.57 -9.93 9.11
C LEU A 275 -18.99 -10.09 9.61
N SER A 276 -19.57 -8.98 10.06
CA SER A 276 -20.97 -8.93 10.43
C SER A 276 -21.78 -7.92 9.59
N ASN A 277 -23.10 -7.99 9.71
CA ASN A 277 -24.02 -7.18 8.92
C ASN A 277 -24.50 -5.95 9.66
#